data_4X1E
#
_entry.id   4X1E
#
_cell.length_a   48.420
_cell.length_b   91.770
_cell.length_c   97.710
_cell.angle_alpha   90.000
_cell.angle_beta   90.000
_cell.angle_gamma   90.000
#
_symmetry.space_group_name_H-M   'P 21 21 21'
#
loop_
_entity.id
_entity.type
_entity.pdbx_description
1 polymer 'HTH-type transcriptional regulator RutR'
2 water water
#
_entity_poly.entity_id   1
_entity_poly.type   'polypeptide(L)'
_entity_poly.pdbx_seq_one_letter_code
;MTQGAVKTTGKRSRAVSAKKKAILSAALDTFSQFGFHGTRLEQIAELAGVSKTNLLYYFPSKEALYIAVLRQILDIWLAP
LKAFREDFAPLAAIKEYIRLKLEVSRDYPQASRLFCMEMLAGAPLLMDELTGDLKALIDEKSALIAGWVKSGKLAPIDPQ
HLIFMIAASTQHYADFAPQVEAVTGATLRDEVFFNQTVENVQRIIIEGIRPRLGHHHHHH
;
_entity_poly.pdbx_strand_id   A,B
#
# COMPACT_ATOMS: atom_id res chain seq x y z
N ARG A 14 -12.59 34.48 3.22
CA ARG A 14 -13.18 34.98 4.49
C ARG A 14 -12.41 34.42 5.70
N ALA A 15 -12.27 35.24 6.76
CA ALA A 15 -11.55 34.91 8.02
C ALA A 15 -11.95 33.57 8.59
N VAL A 16 -13.25 33.35 8.76
CA VAL A 16 -13.77 32.10 9.37
C VAL A 16 -13.36 30.86 8.57
N SER A 17 -13.46 30.95 7.25
CA SER A 17 -13.18 29.84 6.36
C SER A 17 -11.67 29.63 6.18
N ALA A 18 -10.92 30.71 6.13
CA ALA A 18 -9.45 30.64 6.07
C ALA A 18 -8.95 29.91 7.30
N LYS A 19 -9.44 30.29 8.48
CA LYS A 19 -9.05 29.57 9.70
C LYS A 19 -9.30 28.09 9.63
N LYS A 20 -10.51 27.71 9.27
CA LYS A 20 -10.81 26.29 9.31
C LYS A 20 -10.11 25.52 8.19
N LYS A 21 -9.96 26.14 7.02
CA LYS A 21 -9.09 25.59 5.98
C LYS A 21 -7.67 25.33 6.54
N ALA A 22 -7.11 26.32 7.23
CA ALA A 22 -5.78 26.17 7.84
C ALA A 22 -5.74 25.07 8.90
N ILE A 23 -6.80 24.96 9.70
CA ILE A 23 -6.86 23.91 10.74
C ILE A 23 -6.89 22.51 10.09
N LEU A 24 -7.71 22.37 9.06
CA LEU A 24 -7.85 21.07 8.39
C LEU A 24 -6.52 20.69 7.74
N SER A 25 -5.91 21.63 7.04
CA SER A 25 -4.67 21.34 6.38
C SER A 25 -3.51 21.05 7.36
N ALA A 26 -3.38 21.84 8.42
CA ALA A 26 -2.41 21.57 9.47
C ALA A 26 -2.66 20.22 10.11
N ALA A 27 -3.93 19.85 10.30
CA ALA A 27 -4.28 18.59 10.96
C ALA A 27 -3.90 17.38 10.10
N LEU A 28 -4.13 17.50 8.79
CA LEU A 28 -3.77 16.47 7.85
C LEU A 28 -2.27 16.20 7.97
N ASP A 29 -1.47 17.25 7.89
CA ASP A 29 -0.01 17.14 7.98
C ASP A 29 0.48 16.47 9.26
N THR A 30 -0.05 16.94 10.40
CA THR A 30 0.29 16.42 11.72
C THR A 30 -0.20 14.98 11.98
N PHE A 31 -1.44 14.66 11.62
CA PHE A 31 -1.96 13.32 11.85
C PHE A 31 -1.22 12.27 11.00
N SER A 32 -0.81 12.65 9.79
CA SER A 32 -0.08 11.73 8.93
C SER A 32 1.36 11.60 9.40
N GLN A 33 1.89 12.66 9.99
CA GLN A 33 3.24 12.57 10.55
C GLN A 33 3.33 11.79 11.85
N PHE A 34 2.39 11.97 12.76
CA PHE A 34 2.49 11.35 14.09
C PHE A 34 1.39 10.32 14.43
N GLY A 35 0.40 10.15 13.55
CA GLY A 35 -0.76 9.29 13.85
C GLY A 35 -1.79 9.96 14.74
N PHE A 36 -2.95 9.31 14.88
CA PHE A 36 -4.01 9.86 15.70
C PHE A 36 -3.54 9.95 17.15
N HIS A 37 -3.15 8.82 17.71
CA HIS A 37 -2.83 8.77 19.13
C HIS A 37 -1.60 9.62 19.46
N GLY A 38 -0.65 9.64 18.52
CA GLY A 38 0.55 10.47 18.66
C GLY A 38 0.33 11.95 18.51
N THR A 39 -0.73 12.35 17.80
CA THR A 39 -1.00 13.78 17.57
C THR A 39 -1.71 14.45 18.75
N ARG A 40 -1.24 15.66 19.08
CA ARG A 40 -1.91 16.51 20.05
C ARG A 40 -2.42 17.78 19.37
N LEU A 41 -3.52 18.31 19.89
CA LEU A 41 -4.18 19.49 19.28
C LEU A 41 -3.35 20.77 19.39
N GLU A 42 -2.54 20.88 20.43
N GLU A 42 -2.54 20.88 20.43
CA GLU A 42 -1.62 22.01 20.58
CA GLU A 42 -1.63 22.02 20.57
C GLU A 42 -0.84 22.21 19.28
C GLU A 42 -0.84 22.22 19.27
N GLN A 43 -0.34 21.11 18.71
CA GLN A 43 0.54 21.14 17.55
C GLN A 43 -0.18 21.67 16.32
N ILE A 44 -1.35 21.10 16.08
CA ILE A 44 -2.18 21.45 14.92
C ILE A 44 -2.49 22.94 14.97
N ALA A 45 -2.91 23.40 16.14
CA ALA A 45 -3.15 24.84 16.40
C ALA A 45 -1.93 25.64 16.07
N GLU A 46 -0.80 25.21 16.60
CA GLU A 46 0.43 25.98 16.36
C GLU A 46 0.67 26.10 14.87
N LEU A 47 0.64 24.96 14.17
CA LEU A 47 0.94 24.92 12.73
C LEU A 47 -0.10 25.71 11.93
N ALA A 48 -1.35 25.69 12.38
CA ALA A 48 -2.40 26.45 11.69
C ALA A 48 -2.32 27.92 12.03
N GLY A 49 -1.59 28.26 13.09
CA GLY A 49 -1.47 29.64 13.52
C GLY A 49 -2.79 30.14 14.10
N VAL A 50 -3.37 29.34 15.00
CA VAL A 50 -4.57 29.71 15.74
C VAL A 50 -4.47 29.23 17.19
N SER A 51 -5.27 29.84 18.05
CA SER A 51 -5.47 29.35 19.39
C SER A 51 -6.05 27.95 19.41
N LYS A 52 -5.86 27.26 20.54
CA LYS A 52 -6.49 25.97 20.74
C LYS A 52 -8.00 26.09 20.97
N THR A 53 -8.43 27.09 21.71
CA THR A 53 -9.84 27.29 22.00
C THR A 53 -10.60 27.58 20.68
N ASN A 54 -9.90 28.22 19.76
CA ASN A 54 -10.39 28.50 18.43
C ASN A 54 -10.56 27.21 17.61
N LEU A 55 -9.53 26.38 17.64
CA LEU A 55 -9.60 25.09 16.98
C LEU A 55 -10.76 24.25 17.55
N LEU A 56 -10.87 24.25 18.88
CA LEU A 56 -11.97 23.54 19.54
C LEU A 56 -13.34 24.09 19.21
N TYR A 57 -13.42 25.36 18.82
CA TYR A 57 -14.67 25.97 18.42
C TYR A 57 -15.18 25.34 17.13
N TYR A 58 -14.28 25.11 16.18
CA TYR A 58 -14.61 24.52 14.89
C TYR A 58 -14.75 23.04 15.00
N PHE A 59 -13.87 22.44 15.80
CA PHE A 59 -13.82 20.98 15.94
C PHE A 59 -13.75 20.59 17.42
N PRO A 60 -14.89 20.16 18.00
CA PRO A 60 -14.95 20.08 19.47
C PRO A 60 -14.14 18.97 20.11
N SER A 61 -13.46 18.14 19.33
CA SER A 61 -12.50 17.19 19.86
C SER A 61 -11.52 16.75 18.80
N LYS A 62 -10.41 16.15 19.23
CA LYS A 62 -9.43 15.57 18.31
C LYS A 62 -10.11 14.54 17.36
N GLU A 63 -11.05 13.78 17.91
CA GLU A 63 -11.69 12.73 17.12
C GLU A 63 -12.57 13.38 16.06
N ALA A 64 -13.24 14.48 16.38
CA ALA A 64 -14.05 15.20 15.42
C ALA A 64 -13.19 15.73 14.30
N LEU A 65 -11.99 16.22 14.63
CA LEU A 65 -11.12 16.84 13.63
C LEU A 65 -10.47 15.78 12.76
N TYR A 66 -10.05 14.70 13.39
CA TYR A 66 -9.52 13.57 12.65
C TYR A 66 -10.54 13.10 11.64
N ILE A 67 -11.79 13.02 12.04
CA ILE A 67 -12.86 12.53 11.14
C ILE A 67 -13.08 13.45 9.94
N ALA A 68 -13.12 14.75 10.19
CA ALA A 68 -13.22 15.71 9.11
C ALA A 68 -12.04 15.55 8.19
N VAL A 69 -10.83 15.38 8.72
CA VAL A 69 -9.66 15.16 7.83
C VAL A 69 -9.82 13.92 6.89
N LEU A 70 -10.26 12.81 7.47
CA LEU A 70 -10.48 11.61 6.70
C LEU A 70 -11.56 11.78 5.67
N ARG A 71 -12.56 12.60 5.97
CA ARG A 71 -13.61 12.83 5.01
C ARG A 71 -13.04 13.63 3.84
N GLN A 72 -12.18 14.60 4.14
CA GLN A 72 -11.49 15.29 3.06
C GLN A 72 -10.61 14.39 2.21
N ILE A 73 -9.92 13.45 2.85
CA ILE A 73 -9.05 12.51 2.13
C ILE A 73 -9.81 11.51 1.25
N LEU A 74 -10.96 11.03 1.74
CA LEU A 74 -11.84 10.16 0.93
C LEU A 74 -12.25 10.84 -0.35
N ASP A 75 -12.67 12.09 -0.24
CA ASP A 75 -12.98 12.90 -1.41
C ASP A 75 -11.82 12.95 -2.41
N ILE A 76 -10.60 13.21 -1.92
CA ILE A 76 -9.45 13.26 -2.81
C ILE A 76 -9.29 11.91 -3.51
N TRP A 77 -9.49 10.86 -2.72
CA TRP A 77 -9.38 9.46 -3.12
C TRP A 77 -10.38 8.95 -4.14
N LEU A 78 -11.62 9.39 -3.98
CA LEU A 78 -12.70 9.01 -4.85
C LEU A 78 -12.60 9.67 -6.22
N ALA A 79 -12.13 10.91 -6.24
CA ALA A 79 -12.18 11.71 -7.45
C ALA A 79 -11.65 11.01 -8.71
N PRO A 80 -10.46 10.37 -8.62
CA PRO A 80 -9.87 9.71 -9.79
C PRO A 80 -10.76 8.66 -10.43
N LEU A 81 -11.61 8.01 -9.65
CA LEU A 81 -12.45 6.99 -10.20
C LEU A 81 -13.47 7.54 -11.19
N LYS A 82 -13.69 8.84 -11.17
CA LYS A 82 -14.64 9.43 -12.11
C LYS A 82 -14.07 9.50 -13.53
N ALA A 83 -12.82 9.11 -13.67
CA ALA A 83 -12.20 8.94 -14.98
C ALA A 83 -12.83 7.75 -15.72
N PHE A 84 -13.43 6.84 -14.96
CA PHE A 84 -14.20 5.76 -15.55
C PHE A 84 -15.60 6.25 -15.97
N ARG A 85 -15.70 6.64 -17.24
CA ARG A 85 -16.93 7.15 -17.83
C ARG A 85 -17.30 6.35 -19.06
N GLU A 86 -18.61 6.19 -19.26
CA GLU A 86 -19.11 5.42 -20.38
C GLU A 86 -18.76 6.07 -21.73
N ASP A 87 -18.44 7.36 -21.72
CA ASP A 87 -18.08 8.07 -22.95
C ASP A 87 -16.57 8.12 -23.23
N PHE A 88 -15.71 7.65 -22.33
CA PHE A 88 -14.29 7.50 -22.67
C PHE A 88 -14.06 6.14 -23.32
N ALA A 89 -13.12 6.09 -24.26
CA ALA A 89 -12.63 4.81 -24.76
C ALA A 89 -11.99 4.11 -23.56
N PRO A 90 -12.12 2.76 -23.49
CA PRO A 90 -11.73 2.10 -22.25
C PRO A 90 -10.28 2.34 -21.83
N LEU A 91 -9.36 2.31 -22.79
CA LEU A 91 -7.95 2.45 -22.46
C LEU A 91 -7.55 3.86 -22.07
N ALA A 92 -8.23 4.84 -22.64
CA ALA A 92 -8.06 6.24 -22.25
C ALA A 92 -8.50 6.45 -20.81
N ALA A 93 -9.60 5.81 -20.42
CA ALA A 93 -10.13 5.90 -19.07
C ALA A 93 -9.12 5.34 -18.08
N ILE A 94 -8.56 4.19 -18.43
CA ILE A 94 -7.65 3.50 -17.58
C ILE A 94 -6.37 4.31 -17.44
N LYS A 95 -5.89 4.86 -18.53
CA LYS A 95 -4.72 5.72 -18.49
C LYS A 95 -4.96 6.97 -17.66
N GLU A 96 -6.14 7.55 -17.75
CA GLU A 96 -6.46 8.75 -16.99
C GLU A 96 -6.57 8.40 -15.48
N TYR A 97 -7.20 7.27 -15.14
CA TYR A 97 -7.31 6.83 -13.75
C TYR A 97 -5.91 6.64 -13.15
N ILE A 98 -5.01 6.07 -13.92
CA ILE A 98 -3.63 5.88 -13.45
C ILE A 98 -2.96 7.21 -13.22
N ARG A 99 -3.09 8.11 -14.19
CA ARG A 99 -2.48 9.45 -14.14
C ARG A 99 -3.00 10.27 -12.97
N LEU A 100 -4.31 10.27 -12.80
CA LEU A 100 -4.95 11.01 -11.71
C LEU A 100 -4.51 10.45 -10.36
N LYS A 101 -4.40 9.13 -10.26
CA LYS A 101 -3.96 8.52 -9.02
C LYS A 101 -2.49 8.89 -8.74
N LEU A 102 -1.67 8.98 -9.76
CA LEU A 102 -0.29 9.33 -9.51
C LEU A 102 -0.15 10.79 -9.13
N GLU A 103 -1.06 11.64 -9.63
CA GLU A 103 -1.13 13.05 -9.25
C GLU A 103 -1.46 13.22 -7.79
N VAL A 104 -2.35 12.36 -7.28
CA VAL A 104 -2.66 12.30 -5.85
C VAL A 104 -1.41 11.94 -5.03
N SER A 105 -0.67 10.91 -5.47
CA SER A 105 0.50 10.51 -4.76
C SER A 105 1.54 11.66 -4.79
N ARG A 106 1.63 12.38 -5.91
CA ARG A 106 2.57 13.48 -6.01
C ARG A 106 2.14 14.65 -5.12
N ASP A 107 0.88 15.06 -5.20
CA ASP A 107 0.38 16.31 -4.58
C ASP A 107 -0.17 16.16 -3.17
N TYR A 108 -0.68 14.98 -2.84
CA TYR A 108 -1.27 14.75 -1.55
C TYR A 108 -0.70 13.50 -0.89
N PRO A 109 0.63 13.42 -0.75
CA PRO A 109 1.22 12.23 -0.14
C PRO A 109 0.79 12.08 1.30
N GLN A 110 0.62 13.20 2.01
CA GLN A 110 0.17 13.17 3.42
C GLN A 110 -1.13 12.37 3.54
N ALA A 111 -2.05 12.64 2.61
CA ALA A 111 -3.40 12.08 2.60
C ALA A 111 -3.31 10.62 2.32
N SER A 112 -2.50 10.29 1.33
CA SER A 112 -2.27 8.91 0.96
C SER A 112 -1.70 8.13 2.16
N ARG A 113 -0.69 8.69 2.80
CA ARG A 113 -0.08 8.10 3.97
C ARG A 113 -1.07 7.89 5.10
N LEU A 114 -1.82 8.93 5.46
CA LEU A 114 -2.75 8.76 6.58
C LEU A 114 -3.86 7.76 6.27
N PHE A 115 -4.31 7.76 5.04
CA PHE A 115 -5.30 6.79 4.59
C PHE A 115 -4.71 5.39 4.81
N CYS A 116 -3.46 5.22 4.38
CA CYS A 116 -2.74 3.95 4.61
C CYS A 116 -2.71 3.60 6.10
N MET A 117 -2.31 4.55 6.94
CA MET A 117 -2.25 4.33 8.40
C MET A 117 -3.61 3.93 8.98
N GLU A 118 -4.68 4.50 8.44
CA GLU A 118 -6.00 4.23 8.97
C GLU A 118 -6.42 2.84 8.58
N MET A 119 -6.19 2.48 7.32
CA MET A 119 -6.43 1.11 6.85
C MET A 119 -5.65 0.04 7.61
N LEU A 120 -4.42 0.37 7.99
CA LEU A 120 -3.56 -0.58 8.70
C LEU A 120 -4.06 -0.85 10.10
N ALA A 121 -4.62 0.20 10.72
CA ALA A 121 -5.24 0.04 12.05
C ALA A 121 -6.59 -0.68 12.08
N GLY A 122 -7.01 -1.22 10.94
CA GLY A 122 -8.34 -1.87 10.78
C GLY A 122 -9.47 -1.01 10.17
N ALA A 123 -9.12 0.22 9.79
CA ALA A 123 -10.08 1.24 9.41
C ALA A 123 -11.19 1.40 10.48
N PRO A 124 -10.78 1.54 11.77
CA PRO A 124 -11.77 1.66 12.86
C PRO A 124 -12.73 2.84 12.72
N LEU A 125 -12.30 3.94 12.12
CA LEU A 125 -13.18 5.09 11.90
C LEU A 125 -13.71 5.21 10.46
N LEU A 126 -13.05 4.53 9.53
CA LEU A 126 -13.35 4.62 8.09
C LEU A 126 -14.16 3.41 7.54
N MET A 127 -14.39 2.39 8.37
CA MET A 127 -15.16 1.22 7.95
C MET A 127 -16.52 1.57 7.33
N ASP A 128 -17.23 2.53 7.92
CA ASP A 128 -18.53 2.95 7.39
C ASP A 128 -18.46 3.49 5.96
N GLU A 129 -17.47 4.32 5.68
CA GLU A 129 -17.26 4.89 4.34
C GLU A 129 -16.88 3.84 3.31
N LEU A 130 -16.00 2.92 3.72
CA LEU A 130 -15.56 1.80 2.88
C LEU A 130 -16.70 0.87 2.43
N THR A 131 -17.64 0.58 3.33
CA THR A 131 -18.82 -0.25 3.04
C THR A 131 -19.93 0.55 2.33
N GLY A 132 -19.91 1.88 2.47
CA GLY A 132 -20.78 2.80 1.73
C GLY A 132 -20.32 3.34 0.37
N ASP A 133 -19.77 4.55 0.36
CA ASP A 133 -19.62 5.32 -0.89
C ASP A 133 -18.49 4.74 -1.71
N LEU A 134 -17.39 4.44 -1.06
CA LEU A 134 -16.25 3.92 -1.77
C LEU A 134 -16.61 2.60 -2.46
N LYS A 135 -17.30 1.73 -1.74
CA LYS A 135 -17.72 0.47 -2.29
C LYS A 135 -18.68 0.70 -3.45
N ALA A 136 -19.69 1.53 -3.21
CA ALA A 136 -20.68 1.90 -4.22
C ALA A 136 -20.01 2.38 -5.48
N LEU A 137 -19.03 3.27 -5.33
CA LEU A 137 -18.30 3.82 -6.48
C LEU A 137 -17.51 2.73 -7.20
N ILE A 138 -16.83 1.87 -6.44
CA ILE A 138 -16.04 0.79 -7.03
C ILE A 138 -16.96 -0.24 -7.69
N ASP A 139 -18.08 -0.56 -7.07
CA ASP A 139 -19.05 -1.46 -7.72
C ASP A 139 -19.57 -0.87 -9.02
N GLU A 140 -19.91 0.40 -8.99
CA GLU A 140 -20.33 1.12 -10.18
C GLU A 140 -19.26 1.04 -11.28
N LYS A 141 -18.00 1.34 -10.99
CA LYS A 141 -17.00 1.41 -12.07
C LYS A 141 -16.56 0.01 -12.52
N SER A 142 -16.58 -0.93 -11.58
CA SER A 142 -16.38 -2.33 -11.88
C SER A 142 -17.38 -2.84 -12.90
N ALA A 143 -18.64 -2.43 -12.76
CA ALA A 143 -19.68 -2.87 -13.68
C ALA A 143 -19.41 -2.33 -15.08
N LEU A 144 -19.00 -1.07 -15.15
CA LEU A 144 -18.63 -0.43 -16.39
C LEU A 144 -17.47 -1.13 -17.08
N ILE A 145 -16.43 -1.44 -16.34
CA ILE A 145 -15.27 -2.17 -16.89
C ILE A 145 -15.67 -3.57 -17.33
N ALA A 146 -16.56 -4.22 -16.56
CA ALA A 146 -17.07 -5.53 -16.93
C ALA A 146 -17.64 -5.49 -18.34
N GLY A 147 -18.38 -4.42 -18.65
CA GLY A 147 -18.99 -4.24 -19.97
C GLY A 147 -17.96 -4.01 -21.06
N TRP A 148 -16.87 -3.29 -20.75
CA TRP A 148 -15.75 -3.16 -21.69
C TRP A 148 -15.10 -4.50 -21.97
N VAL A 149 -14.97 -5.31 -20.93
CA VAL A 149 -14.44 -6.68 -21.07
C VAL A 149 -15.40 -7.51 -21.90
N LYS A 150 -16.65 -7.59 -21.44
CA LYS A 150 -17.66 -8.38 -22.12
C LYS A 150 -17.75 -8.06 -23.62
N SER A 151 -17.53 -6.81 -23.99
CA SER A 151 -17.60 -6.42 -25.40
C SER A 151 -16.28 -6.56 -26.15
N GLY A 152 -15.26 -7.12 -25.52
CA GLY A 152 -13.97 -7.34 -26.20
C GLY A 152 -13.02 -6.15 -26.32
N LYS A 153 -13.38 -4.99 -25.78
CA LYS A 153 -12.51 -3.81 -25.81
C LYS A 153 -11.34 -3.88 -24.80
N LEU A 154 -11.46 -4.75 -23.80
CA LEU A 154 -10.36 -5.10 -22.93
C LEU A 154 -10.23 -6.63 -22.90
N ALA A 155 -9.05 -7.09 -22.51
CA ALA A 155 -8.79 -8.51 -22.35
C ALA A 155 -9.63 -9.04 -21.20
N PRO A 156 -9.83 -10.36 -21.12
CA PRO A 156 -10.63 -10.88 -20.03
C PRO A 156 -9.86 -10.85 -18.71
N ILE A 157 -10.23 -9.89 -17.88
CA ILE A 157 -9.63 -9.68 -16.56
C ILE A 157 -10.77 -9.35 -15.58
N ASP A 158 -10.52 -9.51 -14.28
CA ASP A 158 -11.48 -9.12 -13.27
C ASP A 158 -11.31 -7.62 -12.93
N PRO A 159 -12.39 -6.84 -13.08
CA PRO A 159 -12.38 -5.39 -12.84
C PRO A 159 -11.99 -4.98 -11.43
N GLN A 160 -12.46 -5.69 -10.42
CA GLN A 160 -12.08 -5.38 -9.05
C GLN A 160 -10.59 -5.51 -8.85
N HIS A 161 -10.01 -6.64 -9.31
CA HIS A 161 -8.55 -6.84 -9.22
C HIS A 161 -7.78 -5.81 -10.04
N LEU A 162 -8.32 -5.42 -11.18
CA LEU A 162 -7.66 -4.39 -11.96
C LEU A 162 -7.63 -3.01 -11.21
N ILE A 163 -8.76 -2.62 -10.64
CA ILE A 163 -8.85 -1.36 -9.90
C ILE A 163 -7.89 -1.40 -8.70
N PHE A 164 -7.90 -2.49 -7.93
CA PHE A 164 -7.00 -2.64 -6.76
C PHE A 164 -5.54 -2.57 -7.11
N MET A 165 -5.19 -3.14 -8.24
CA MET A 165 -3.80 -3.16 -8.70
C MET A 165 -3.25 -1.78 -9.07
N ILE A 166 -4.08 -1.00 -9.73
CA ILE A 166 -3.74 0.36 -10.10
C ILE A 166 -3.68 1.19 -8.83
N ALA A 167 -4.67 1.00 -7.95
CA ALA A 167 -4.69 1.77 -6.71
C ALA A 167 -3.42 1.46 -5.90
N ALA A 168 -3.11 0.19 -5.72
CA ALA A 168 -1.97 -0.23 -4.89
C ALA A 168 -0.62 0.29 -5.44
N SER A 169 -0.47 0.15 -6.75
CA SER A 169 0.74 0.52 -7.48
C SER A 169 0.97 2.01 -7.48
N THR A 170 -0.09 2.79 -7.70
CA THR A 170 0.03 4.23 -7.74
C THR A 170 0.24 4.81 -6.34
N GLN A 171 -0.46 4.25 -5.35
CA GLN A 171 -0.35 4.72 -3.96
C GLN A 171 1.02 4.47 -3.35
N HIS A 172 1.64 3.38 -3.79
CA HIS A 172 2.90 2.94 -3.23
C HIS A 172 4.01 4.02 -3.29
N TYR A 173 3.99 4.80 -4.36
CA TYR A 173 4.98 5.83 -4.59
C TYR A 173 4.93 6.93 -3.53
N ALA A 174 3.75 7.20 -2.97
CA ALA A 174 3.60 8.18 -1.87
C ALA A 174 3.94 7.52 -0.57
N ASP A 175 3.22 6.44 -0.29
CA ASP A 175 3.25 5.81 0.99
C ASP A 175 4.64 5.36 1.34
N PHE A 176 5.40 4.94 0.33
CA PHE A 176 6.73 4.41 0.52
C PHE A 176 7.77 5.10 -0.34
N ALA A 177 7.55 6.40 -0.51
CA ALA A 177 8.44 7.28 -1.21
C ALA A 177 9.91 7.16 -0.81
N PRO A 178 10.21 7.09 0.50
CA PRO A 178 11.64 6.94 0.91
C PRO A 178 12.30 5.61 0.44
N GLN A 179 11.52 4.53 0.42
CA GLN A 179 12.03 3.25 -0.06
C GLN A 179 12.24 3.29 -1.58
N VAL A 180 11.25 3.85 -2.28
CA VAL A 180 11.36 4.07 -3.73
C VAL A 180 12.54 4.98 -4.06
N GLU A 181 12.77 6.00 -3.23
CA GLU A 181 13.86 6.90 -3.48
C GLU A 181 15.19 6.20 -3.20
N ALA A 182 15.26 5.35 -2.18
CA ALA A 182 16.53 4.63 -1.86
C ALA A 182 16.97 3.77 -3.05
N VAL A 183 15.99 3.23 -3.75
CA VAL A 183 16.23 2.36 -4.89
C VAL A 183 16.43 3.18 -6.17
N THR A 184 15.55 4.15 -6.42
CA THR A 184 15.54 4.87 -7.72
C THR A 184 16.34 6.17 -7.72
N GLY A 185 16.63 6.70 -6.55
CA GLY A 185 17.21 8.02 -6.43
C GLY A 185 16.26 9.19 -6.73
N ALA A 186 14.96 8.92 -6.87
CA ALA A 186 14.02 10.00 -7.18
C ALA A 186 12.71 9.89 -6.40
N THR A 187 11.96 10.99 -6.38
CA THR A 187 10.57 11.03 -5.88
C THR A 187 9.67 11.59 -6.98
N LEU A 188 8.36 11.52 -6.79
CA LEU A 188 7.42 12.05 -7.79
C LEU A 188 7.49 13.56 -7.97
N ARG A 189 8.22 14.23 -7.08
CA ARG A 189 8.43 15.66 -7.24
C ARG A 189 9.44 15.97 -8.35
N ASP A 190 10.21 14.97 -8.74
CA ASP A 190 11.06 15.06 -9.94
C ASP A 190 10.15 14.77 -11.12
N GLU A 191 9.95 15.76 -11.97
CA GLU A 191 8.95 15.65 -13.03
C GLU A 191 9.30 14.58 -14.09
N VAL A 192 10.59 14.33 -14.28
CA VAL A 192 11.04 13.27 -15.17
C VAL A 192 10.66 11.93 -14.55
N PHE A 193 10.83 11.79 -13.24
CA PHE A 193 10.46 10.56 -12.57
C PHE A 193 8.95 10.39 -12.54
N PHE A 194 8.25 11.49 -12.34
CA PHE A 194 6.81 11.46 -12.45
C PHE A 194 6.45 10.96 -13.85
N ASN A 195 7.00 11.54 -14.91
CA ASN A 195 6.62 11.07 -16.27
C ASN A 195 6.98 9.60 -16.55
N GLN A 196 8.15 9.16 -16.09
CA GLN A 196 8.52 7.77 -16.25
C GLN A 196 7.56 6.87 -15.52
N THR A 197 7.14 7.30 -14.34
CA THR A 197 6.30 6.47 -13.51
C THR A 197 4.94 6.30 -14.15
N VAL A 198 4.34 7.39 -14.62
CA VAL A 198 3.07 7.27 -15.30
C VAL A 198 3.23 6.35 -16.52
N GLU A 199 4.27 6.59 -17.30
CA GLU A 199 4.49 5.85 -18.51
C GLU A 199 4.64 4.34 -18.26
N ASN A 200 5.32 3.97 -17.17
CA ASN A 200 5.56 2.57 -16.88
C ASN A 200 4.37 1.84 -16.28
N VAL A 201 3.67 2.50 -15.38
CA VAL A 201 2.48 1.88 -14.81
C VAL A 201 1.45 1.62 -15.95
N GLN A 202 1.25 2.61 -16.82
CA GLN A 202 0.35 2.45 -17.97
C GLN A 202 0.86 1.37 -18.90
N ARG A 203 2.15 1.42 -19.22
CA ARG A 203 2.69 0.50 -20.19
C ARG A 203 2.55 -0.93 -19.69
N ILE A 204 2.80 -1.15 -18.41
CA ILE A 204 2.72 -2.49 -17.84
C ILE A 204 1.28 -3.00 -17.82
N ILE A 205 0.37 -2.21 -17.28
CA ILE A 205 -1.03 -2.63 -17.21
C ILE A 205 -1.70 -2.76 -18.58
N ILE A 206 -1.39 -1.84 -19.48
CA ILE A 206 -2.03 -1.81 -20.80
C ILE A 206 -1.43 -2.88 -21.74
N GLU A 207 -0.12 -2.78 -21.96
CA GLU A 207 0.57 -3.64 -22.90
C GLU A 207 0.96 -4.97 -22.31
N GLY A 208 1.23 -5.03 -21.02
CA GLY A 208 1.75 -6.27 -20.42
C GLY A 208 3.26 -6.37 -20.69
N ILE A 209 3.95 -7.26 -20.00
CA ILE A 209 5.38 -7.42 -20.19
C ILE A 209 5.75 -8.54 -21.20
N ARG A 210 4.81 -9.41 -21.52
CA ARG A 210 5.02 -10.33 -22.61
C ARG A 210 5.10 -9.52 -23.89
N PRO A 211 6.14 -9.74 -24.72
CA PRO A 211 6.24 -8.98 -25.98
C PRO A 211 5.03 -9.16 -26.90
N ARG A 212 4.76 -8.15 -27.72
CA ARG A 212 3.64 -8.14 -28.67
C ARG A 212 4.18 -8.31 -30.07
N LYS B 21 11.50 -20.01 20.21
CA LYS B 21 10.66 -19.75 19.01
C LYS B 21 9.21 -19.40 19.40
N ALA B 22 8.76 -19.92 20.54
CA ALA B 22 7.43 -19.58 21.08
C ALA B 22 7.31 -18.10 21.41
N ILE B 23 8.37 -17.53 21.95
CA ILE B 23 8.36 -16.12 22.27
C ILE B 23 8.25 -15.28 20.98
N LEU B 24 9.02 -15.64 19.96
CA LEU B 24 8.97 -14.93 18.67
C LEU B 24 7.60 -15.02 17.98
N SER B 25 7.02 -16.21 17.92
CA SER B 25 5.69 -16.37 17.31
C SER B 25 4.63 -15.61 18.09
N ALA B 26 4.64 -15.74 19.42
CA ALA B 26 3.67 -15.02 20.25
C ALA B 26 3.81 -13.52 20.08
N ALA B 27 5.05 -13.06 19.96
CA ALA B 27 5.33 -11.62 19.83
C ALA B 27 4.83 -11.07 18.50
N LEU B 28 5.03 -11.85 17.43
CA LEU B 28 4.52 -11.46 16.12
C LEU B 28 3.02 -11.23 16.19
N ASP B 29 2.30 -12.21 16.72
CA ASP B 29 0.85 -12.13 16.83
C ASP B 29 0.38 -10.91 17.62
N THR B 30 1.00 -10.70 18.78
CA THR B 30 0.64 -9.59 19.66
C THR B 30 1.02 -8.21 19.09
N PHE B 31 2.23 -8.07 18.53
CA PHE B 31 2.67 -6.76 18.00
C PHE B 31 1.84 -6.35 16.80
N SER B 32 1.45 -7.33 15.99
CA SER B 32 0.63 -7.04 14.84
C SER B 32 -0.80 -6.73 15.23
N GLN B 33 -1.28 -7.34 16.31
CA GLN B 33 -2.62 -7.03 16.82
C GLN B 33 -2.70 -5.66 17.49
N PHE B 34 -1.71 -5.32 18.32
CA PHE B 34 -1.81 -4.12 19.16
C PHE B 34 -0.79 -3.02 18.86
N GLY B 35 0.14 -3.27 17.93
CA GLY B 35 1.24 -2.33 17.68
C GLY B 35 2.36 -2.40 18.71
N PHE B 36 3.46 -1.72 18.42
CA PHE B 36 4.60 -1.71 19.34
C PHE B 36 4.20 -1.05 20.65
N HIS B 37 3.73 0.20 20.56
CA HIS B 37 3.45 0.96 21.76
C HIS B 37 2.29 0.36 22.54
N GLY B 38 1.31 -0.20 21.82
CA GLY B 38 0.17 -0.88 22.45
C GLY B 38 0.50 -2.22 23.09
N THR B 39 1.56 -2.88 22.65
CA THR B 39 1.90 -4.20 23.17
C THR B 39 2.72 -4.12 24.48
N ARG B 40 2.36 -5.00 25.42
CA ARG B 40 3.12 -5.18 26.64
C ARG B 40 3.70 -6.60 26.69
N LEU B 41 4.86 -6.75 27.34
CA LEU B 41 5.58 -8.03 27.40
C LEU B 41 4.85 -9.09 28.20
N GLU B 42 4.07 -8.67 29.20
CA GLU B 42 3.20 -9.59 29.95
C GLU B 42 2.44 -10.50 29.00
N GLN B 43 1.82 -9.87 27.98
CA GLN B 43 0.90 -10.55 27.08
C GLN B 43 1.64 -11.62 26.28
N ILE B 44 2.76 -11.21 25.71
CA ILE B 44 3.57 -12.09 24.86
C ILE B 44 4.01 -13.30 25.66
N ALA B 45 4.51 -13.05 26.88
CA ALA B 45 4.89 -14.11 27.80
C ALA B 45 3.71 -15.04 28.03
N GLU B 46 2.57 -14.44 28.33
CA GLU B 46 1.37 -15.22 28.58
C GLU B 46 1.10 -16.16 27.40
N LEU B 47 1.01 -15.58 26.22
CA LEU B 47 0.68 -16.33 25.00
C LEU B 47 1.75 -17.36 24.66
N ALA B 48 3.01 -17.05 24.94
CA ALA B 48 4.10 -18.00 24.70
C ALA B 48 4.15 -19.08 25.77
N GLY B 49 3.48 -18.84 26.89
CA GLY B 49 3.46 -19.80 27.99
C GLY B 49 4.81 -19.85 28.68
N VAL B 50 5.33 -18.67 29.01
CA VAL B 50 6.58 -18.53 29.76
C VAL B 50 6.46 -17.36 30.74
N SER B 51 7.32 -17.36 31.77
CA SER B 51 7.42 -16.21 32.65
C SER B 51 8.07 -15.01 31.92
N LYS B 52 7.87 -13.82 32.47
CA LYS B 52 8.39 -12.59 31.88
C LYS B 52 9.92 -12.47 32.04
N THR B 53 10.44 -12.91 33.18
CA THR B 53 11.88 -12.87 33.42
C THR B 53 12.59 -13.79 32.41
N ASN B 54 11.91 -14.86 32.04
CA ASN B 54 12.39 -15.79 31.03
C ASN B 54 12.46 -15.14 29.65
N LEU B 55 11.37 -14.47 29.28
CA LEU B 55 11.33 -13.72 28.02
C LEU B 55 12.45 -12.67 27.99
N LEU B 56 12.64 -11.98 29.11
CA LEU B 56 13.71 -10.98 29.24
C LEU B 56 15.13 -11.55 29.17
N TYR B 57 15.31 -12.83 29.51
CA TYR B 57 16.64 -13.49 29.32
C TYR B 57 16.95 -13.68 27.82
N TYR B 58 15.95 -14.01 27.00
CA TYR B 58 16.15 -14.17 25.55
C TYR B 58 16.16 -12.85 24.83
N PHE B 59 15.30 -11.95 25.27
CA PHE B 59 15.16 -10.65 24.64
C PHE B 59 15.16 -9.55 25.68
N PRO B 60 16.27 -8.79 25.75
CA PRO B 60 16.52 -7.89 26.87
C PRO B 60 15.56 -6.69 27.03
N SER B 61 14.73 -6.42 26.02
CA SER B 61 13.69 -5.41 26.11
C SER B 61 12.62 -5.68 25.04
N LYS B 62 11.48 -4.99 25.18
CA LYS B 62 10.44 -5.01 24.17
C LYS B 62 10.99 -4.61 22.81
N GLU B 63 11.88 -3.63 22.80
CA GLU B 63 12.41 -3.13 21.57
C GLU B 63 13.26 -4.22 20.91
N ALA B 64 14.03 -4.95 21.71
CA ALA B 64 14.90 -5.99 21.20
C ALA B 64 14.09 -7.08 20.57
N LEU B 65 12.95 -7.39 21.18
CA LEU B 65 12.09 -8.48 20.69
C LEU B 65 11.28 -8.06 19.46
N TYR B 66 10.81 -6.82 19.50
CA TYR B 66 10.18 -6.25 18.33
C TYR B 66 11.12 -6.33 17.12
N ILE B 67 12.39 -5.97 17.34
CA ILE B 67 13.34 -5.93 16.25
C ILE B 67 13.57 -7.32 15.66
N ALA B 68 13.72 -8.32 16.52
CA ALA B 68 13.84 -9.71 16.08
C ALA B 68 12.60 -10.12 15.28
N VAL B 69 11.41 -9.73 15.72
CA VAL B 69 10.21 -10.06 14.95
C VAL B 69 10.21 -9.47 13.54
N LEU B 70 10.55 -8.19 13.45
CA LEU B 70 10.59 -7.52 12.14
C LEU B 70 11.66 -8.11 11.26
N ARG B 71 12.76 -8.57 11.86
CA ARG B 71 13.83 -9.19 11.08
C ARG B 71 13.31 -10.51 10.53
N GLN B 72 12.54 -11.26 11.31
CA GLN B 72 11.91 -12.47 10.79
C GLN B 72 10.97 -12.15 9.63
N ILE B 73 10.17 -11.07 9.77
CA ILE B 73 9.23 -10.69 8.74
C ILE B 73 9.92 -10.23 7.45
N LEU B 74 11.03 -9.52 7.61
CA LEU B 74 11.86 -9.12 6.47
C LEU B 74 12.32 -10.32 5.66
N ASP B 75 12.83 -11.33 6.35
CA ASP B 75 13.22 -12.60 5.73
C ASP B 75 12.06 -13.19 4.94
N ILE B 76 10.87 -13.21 5.53
CA ILE B 76 9.66 -13.72 4.83
C ILE B 76 9.42 -12.89 3.56
N TRP B 77 9.62 -11.60 3.70
CA TRP B 77 9.47 -10.62 2.64
C TRP B 77 10.45 -10.72 1.50
N LEU B 78 11.70 -10.98 1.81
CA LEU B 78 12.74 -11.07 0.82
C LEU B 78 12.66 -12.35 -0.01
N ALA B 79 12.22 -13.44 0.62
CA ALA B 79 12.30 -14.79 0.04
C ALA B 79 11.72 -14.85 -1.35
N PRO B 80 10.52 -14.26 -1.58
CA PRO B 80 9.91 -14.33 -2.89
C PRO B 80 10.72 -13.74 -4.03
N LEU B 81 11.60 -12.76 -3.74
CA LEU B 81 12.46 -12.21 -4.80
C LEU B 81 13.48 -13.21 -5.33
N LYS B 82 13.73 -14.29 -4.60
CA LYS B 82 14.63 -15.34 -5.06
C LYS B 82 14.05 -16.11 -6.26
N ALA B 83 12.77 -15.87 -6.57
CA ALA B 83 12.14 -16.43 -7.77
C ALA B 83 12.71 -15.81 -9.04
N PHE B 84 13.33 -14.64 -8.92
CA PHE B 84 14.14 -14.09 -10.01
C PHE B 84 15.53 -14.77 -10.10
N ARG B 85 15.59 -15.80 -10.94
CA ARG B 85 16.76 -16.59 -11.17
C ARG B 85 17.13 -16.55 -12.64
N GLU B 86 18.44 -16.53 -12.90
CA GLU B 86 18.96 -16.47 -14.27
C GLU B 86 18.54 -17.70 -15.07
N ASP B 87 18.25 -18.82 -14.40
CA ASP B 87 17.89 -20.05 -15.08
C ASP B 87 16.38 -20.24 -15.27
N PHE B 88 15.54 -19.35 -14.76
CA PHE B 88 14.11 -19.42 -15.10
C PHE B 88 13.85 -18.65 -16.39
N ALA B 89 12.87 -19.11 -17.17
CA ALA B 89 12.36 -18.29 -18.27
C ALA B 89 11.75 -17.02 -17.64
N PRO B 90 11.91 -15.89 -18.30
CA PRO B 90 11.57 -14.64 -17.62
C PRO B 90 10.12 -14.57 -17.09
N LEU B 91 9.16 -15.04 -17.89
CA LEU B 91 7.76 -14.99 -17.49
C LEU B 91 7.42 -15.96 -16.36
N ALA B 92 8.10 -17.11 -16.31
CA ALA B 92 7.92 -18.07 -15.23
C ALA B 92 8.42 -17.50 -13.90
N ALA B 93 9.52 -16.75 -13.98
CA ALA B 93 10.08 -16.09 -12.81
C ALA B 93 9.13 -15.07 -12.25
N ILE B 94 8.55 -14.29 -13.15
CA ILE B 94 7.62 -13.24 -12.78
C ILE B 94 6.36 -13.84 -12.19
N LYS B 95 5.85 -14.90 -12.80
CA LYS B 95 4.67 -15.59 -12.28
C LYS B 95 4.92 -16.18 -10.90
N GLU B 96 6.11 -16.71 -10.70
CA GLU B 96 6.43 -17.31 -9.41
C GLU B 96 6.58 -16.25 -8.33
N TYR B 97 7.22 -15.13 -8.66
CA TYR B 97 7.34 -13.98 -7.74
C TYR B 97 5.96 -13.49 -7.29
N ILE B 98 5.04 -13.36 -8.24
CA ILE B 98 3.68 -12.93 -7.92
C ILE B 98 2.98 -13.92 -6.99
N ARG B 99 3.09 -15.21 -7.31
CA ARG B 99 2.47 -16.28 -6.51
C ARG B 99 3.02 -16.35 -5.09
N LEU B 100 4.34 -16.31 -4.99
CA LEU B 100 4.99 -16.36 -3.67
C LEU B 100 4.58 -15.13 -2.81
N LYS B 101 4.48 -13.98 -3.44
CA LYS B 101 4.07 -12.76 -2.73
C LYS B 101 2.63 -12.85 -2.27
N LEU B 102 1.76 -13.46 -3.07
CA LEU B 102 0.40 -13.61 -2.62
C LEU B 102 0.28 -14.62 -1.48
N GLU B 103 1.14 -15.64 -1.48
CA GLU B 103 1.18 -16.61 -0.38
C GLU B 103 1.53 -15.96 0.94
N VAL B 104 2.43 -15.00 0.89
CA VAL B 104 2.79 -14.21 2.08
C VAL B 104 1.57 -13.40 2.59
N SER B 105 0.85 -12.75 1.66
CA SER B 105 -0.33 -11.99 2.05
C SER B 105 -1.37 -12.96 2.64
N ARG B 106 -1.47 -14.18 2.11
CA ARG B 106 -2.44 -15.18 2.63
C ARG B 106 -2.06 -15.72 4.01
N ASP B 107 -0.79 -16.12 4.15
CA ASP B 107 -0.33 -16.79 5.36
C ASP B 107 0.15 -15.84 6.47
N TYR B 108 0.66 -14.67 6.11
CA TYR B 108 1.21 -13.75 7.09
C TYR B 108 0.64 -12.35 6.97
N PRO B 109 -0.69 -12.23 6.90
CA PRO B 109 -1.26 -10.88 6.79
C PRO B 109 -0.93 -9.95 7.98
N GLN B 110 -0.91 -10.50 9.19
CA GLN B 110 -0.52 -9.72 10.36
C GLN B 110 0.89 -9.14 10.18
N ALA B 111 1.79 -9.97 9.68
CA ALA B 111 3.19 -9.66 9.54
C ALA B 111 3.29 -8.60 8.49
N SER B 112 2.57 -8.81 7.38
CA SER B 112 2.55 -7.86 6.29
C SER B 112 2.14 -6.49 6.86
N ARG B 113 1.05 -6.46 7.61
CA ARG B 113 0.57 -5.21 8.19
C ARG B 113 1.57 -4.59 9.13
N LEU B 114 2.11 -5.39 10.06
CA LEU B 114 3.13 -4.94 11.06
C LEU B 114 4.34 -4.36 10.34
N PHE B 115 4.77 -5.02 9.28
CA PHE B 115 5.87 -4.58 8.45
C PHE B 115 5.60 -3.28 7.74
N CYS B 116 4.45 -3.21 7.11
CA CYS B 116 3.99 -2.02 6.41
C CYS B 116 3.97 -0.81 7.36
N MET B 117 3.38 -1.00 8.54
CA MET B 117 3.32 0.06 9.54
C MET B 117 4.69 0.49 10.00
N GLU B 118 5.62 -0.46 10.09
CA GLU B 118 6.96 -0.13 10.60
C GLU B 118 7.71 0.66 9.55
N MET B 119 7.60 0.23 8.28
CA MET B 119 8.14 0.99 7.15
C MET B 119 7.55 2.38 6.95
N LEU B 120 6.26 2.56 7.23
CA LEU B 120 5.66 3.87 7.10
C LEU B 120 6.26 4.77 8.11
N ALA B 121 6.22 4.30 9.36
CA ALA B 121 6.21 5.19 10.51
C ALA B 121 7.06 4.71 11.68
N GLY B 122 7.96 3.75 11.43
CA GLY B 122 8.81 3.18 12.50
C GLY B 122 10.04 4.02 12.81
N ALA B 123 10.82 3.60 13.80
CA ALA B 123 12.02 4.36 14.15
C ALA B 123 13.01 4.23 13.01
N PRO B 124 13.74 5.32 12.71
CA PRO B 124 14.62 5.34 11.53
C PRO B 124 15.76 4.30 11.56
N LEU B 125 16.26 3.91 12.73
CA LEU B 125 17.26 2.83 12.80
C LEU B 125 16.76 1.49 12.22
N LEU B 126 15.59 1.06 12.64
CA LEU B 126 15.05 -0.22 12.14
C LEU B 126 14.63 0.00 10.71
N MET B 127 13.99 1.13 10.46
CA MET B 127 13.57 1.49 9.12
C MET B 127 14.73 1.50 8.12
N ASP B 128 15.87 2.07 8.51
CA ASP B 128 17.10 2.09 7.69
C ASP B 128 17.61 0.69 7.35
N GLU B 129 17.62 -0.17 8.35
CA GLU B 129 18.10 -1.53 8.18
C GLU B 129 17.25 -2.23 7.17
N LEU B 130 15.94 -2.14 7.34
CA LEU B 130 15.01 -2.86 6.48
C LEU B 130 15.04 -2.40 5.02
N THR B 131 15.12 -1.09 4.83
CA THR B 131 15.13 -0.55 3.48
C THR B 131 16.43 -0.89 2.79
N GLY B 132 17.52 -0.97 3.54
CA GLY B 132 18.81 -1.30 2.96
C GLY B 132 18.88 -2.74 2.43
N ASP B 133 18.24 -3.67 3.12
CA ASP B 133 18.29 -5.06 2.68
C ASP B 133 17.40 -5.23 1.48
N LEU B 134 16.26 -4.57 1.51
CA LEU B 134 15.36 -4.59 0.36
C LEU B 134 16.06 -4.06 -0.87
N LYS B 135 16.72 -2.91 -0.73
CA LYS B 135 17.34 -2.26 -1.87
C LYS B 135 18.35 -3.18 -2.52
N ALA B 136 19.20 -3.76 -1.70
CA ALA B 136 20.27 -4.63 -2.12
C ALA B 136 19.78 -5.72 -3.04
N LEU B 137 18.74 -6.41 -2.61
CA LEU B 137 18.18 -7.51 -3.38
C LEU B 137 17.43 -7.01 -4.61
N ILE B 138 16.76 -5.87 -4.46
CA ILE B 138 16.04 -5.28 -5.59
C ILE B 138 17.00 -4.77 -6.68
N ASP B 139 18.12 -4.19 -6.29
CA ASP B 139 19.14 -3.81 -7.30
C ASP B 139 19.62 -5.04 -8.08
N GLU B 140 19.92 -6.11 -7.36
CA GLU B 140 20.35 -7.37 -7.96
C GLU B 140 19.32 -7.93 -8.95
N LYS B 141 18.05 -7.99 -8.56
CA LYS B 141 17.06 -8.62 -9.43
C LYS B 141 16.63 -7.71 -10.56
N SER B 142 16.67 -6.41 -10.29
CA SER B 142 16.48 -5.40 -11.32
C SER B 142 17.47 -5.56 -12.47
N ALA B 143 18.73 -5.82 -12.13
CA ALA B 143 19.78 -5.96 -13.14
C ALA B 143 19.51 -7.19 -14.02
N LEU B 144 19.05 -8.26 -13.39
CA LEU B 144 18.63 -9.47 -14.10
C LEU B 144 17.45 -9.22 -15.07
N ILE B 145 16.40 -8.55 -14.59
CA ILE B 145 15.26 -8.24 -15.43
C ILE B 145 15.67 -7.30 -16.57
N ALA B 146 16.59 -6.37 -16.28
CA ALA B 146 17.12 -5.47 -17.31
C ALA B 146 17.63 -6.25 -18.49
N GLY B 147 18.35 -7.33 -18.20
CA GLY B 147 18.89 -8.20 -19.23
C GLY B 147 17.83 -8.95 -20.01
N TRP B 148 16.76 -9.38 -19.35
CA TRP B 148 15.62 -9.98 -20.06
C TRP B 148 14.95 -8.99 -20.99
N VAL B 149 14.84 -7.75 -20.54
CA VAL B 149 14.35 -6.68 -21.39
C VAL B 149 15.29 -6.44 -22.55
N LYS B 150 16.56 -6.14 -22.24
CA LYS B 150 17.55 -5.84 -23.27
C LYS B 150 17.59 -6.90 -24.36
N SER B 151 17.36 -8.15 -23.99
CA SER B 151 17.40 -9.25 -24.95
C SER B 151 16.06 -9.49 -25.64
N GLY B 152 15.04 -8.67 -25.36
CA GLY B 152 13.74 -8.80 -26.03
C GLY B 152 12.78 -9.86 -25.50
N LYS B 153 13.17 -10.57 -24.44
CA LYS B 153 12.31 -11.59 -23.81
C LYS B 153 11.17 -11.02 -23.00
N LEU B 154 11.30 -9.74 -22.62
CA LEU B 154 10.20 -8.95 -22.07
C LEU B 154 10.08 -7.65 -22.86
N ALA B 155 8.91 -7.04 -22.76
CA ALA B 155 8.67 -5.77 -23.39
C ALA B 155 9.54 -4.70 -22.71
N PRO B 156 9.76 -3.55 -23.37
CA PRO B 156 10.58 -2.53 -22.73
C PRO B 156 9.84 -1.83 -21.59
N ILE B 157 10.18 -2.23 -20.38
CA ILE B 157 9.59 -1.70 -19.15
C ILE B 157 10.74 -1.46 -18.18
N ASP B 158 10.53 -0.61 -17.19
CA ASP B 158 11.54 -0.40 -16.18
C ASP B 158 11.40 -1.44 -15.07
N PRO B 159 12.49 -2.19 -14.79
CA PRO B 159 12.48 -3.27 -13.82
C PRO B 159 12.11 -2.85 -12.41
N GLN B 160 12.61 -1.70 -11.98
CA GLN B 160 12.31 -1.20 -10.64
C GLN B 160 10.83 -0.98 -10.50
N HIS B 161 10.20 -0.33 -11.49
CA HIS B 161 8.74 -0.11 -11.50
C HIS B 161 7.96 -1.39 -11.55
N LEU B 162 8.46 -2.37 -12.29
CA LEU B 162 7.79 -3.63 -12.37
C LEU B 162 7.82 -4.35 -11.04
N ILE B 163 8.96 -4.40 -10.40
CA ILE B 163 9.05 -5.02 -9.07
C ILE B 163 8.14 -4.31 -8.06
N PHE B 164 8.22 -2.99 -7.99
CA PHE B 164 7.37 -2.24 -7.07
C PHE B 164 5.90 -2.50 -7.27
N MET B 165 5.50 -2.60 -8.53
CA MET B 165 4.10 -2.80 -8.89
C MET B 165 3.58 -4.15 -8.41
N ILE B 166 4.40 -5.18 -8.57
CA ILE B 166 4.01 -6.51 -8.14
C ILE B 166 4.01 -6.57 -6.60
N ALA B 167 5.03 -5.96 -5.98
CA ALA B 167 5.08 -5.90 -4.52
C ALA B 167 3.87 -5.19 -3.99
N ALA B 168 3.56 -4.03 -4.55
CA ALA B 168 2.45 -3.21 -4.04
C ALA B 168 1.09 -3.92 -4.22
N SER B 169 0.89 -4.49 -5.40
CA SER B 169 -0.36 -5.17 -5.77
C SER B 169 -0.64 -6.44 -4.96
N THR B 170 0.39 -7.26 -4.77
CA THR B 170 0.25 -8.45 -3.95
C THR B 170 0.12 -8.16 -2.45
N GLN B 171 0.87 -7.19 -1.94
CA GLN B 171 0.77 -6.78 -0.53
C GLN B 171 -0.56 -6.14 -0.15
N HIS B 172 -1.20 -5.50 -1.13
CA HIS B 172 -2.43 -4.74 -0.93
C HIS B 172 -3.53 -5.59 -0.33
N TYR B 173 -3.56 -6.86 -0.70
CA TYR B 173 -4.59 -7.80 -0.23
C TYR B 173 -4.57 -7.92 1.30
N ALA B 174 -3.36 -7.89 1.85
CA ALA B 174 -3.16 -7.99 3.29
C ALA B 174 -3.27 -6.61 3.95
N ASP B 175 -2.48 -5.67 3.46
CA ASP B 175 -2.38 -4.34 4.06
C ASP B 175 -3.68 -3.55 4.02
N PHE B 176 -4.43 -3.69 2.91
CA PHE B 176 -5.72 -2.99 2.73
C PHE B 176 -6.85 -4.04 2.71
N ALA B 177 -6.65 -5.11 3.46
CA ALA B 177 -7.64 -6.17 3.63
C ALA B 177 -9.06 -5.68 3.95
N PRO B 178 -9.18 -4.67 4.85
CA PRO B 178 -10.53 -4.22 5.19
C PRO B 178 -11.27 -3.65 3.99
N GLN B 179 -10.57 -2.93 3.13
CA GLN B 179 -11.19 -2.38 1.95
C GLN B 179 -11.47 -3.48 0.94
N VAL B 180 -10.52 -4.38 0.70
CA VAL B 180 -10.75 -5.51 -0.23
C VAL B 180 -11.92 -6.37 0.22
N GLU B 181 -12.04 -6.61 1.53
CA GLU B 181 -13.12 -7.43 2.00
C GLU B 181 -14.45 -6.68 1.90
N ALA B 182 -14.45 -5.37 2.17
CA ALA B 182 -15.70 -4.59 2.05
C ALA B 182 -16.27 -4.69 0.63
N VAL B 183 -15.40 -4.72 -0.36
CA VAL B 183 -15.77 -4.74 -1.77
C VAL B 183 -16.08 -6.16 -2.23
N THR B 184 -15.21 -7.11 -1.92
CA THR B 184 -15.30 -8.47 -2.45
C THR B 184 -16.05 -9.47 -1.58
N GLY B 185 -16.20 -9.16 -0.29
CA GLY B 185 -16.71 -10.10 0.69
C GLY B 185 -15.79 -11.27 0.94
N ALA B 186 -14.58 -11.24 0.41
CA ALA B 186 -13.70 -12.42 0.44
C ALA B 186 -12.39 -12.08 1.06
N THR B 187 -11.69 -13.13 1.45
CA THR B 187 -10.26 -13.04 1.78
C THR B 187 -9.44 -14.12 1.05
N LEU B 188 -8.12 -13.96 1.11
CA LEU B 188 -7.20 -14.92 0.49
C LEU B 188 -7.20 -16.31 1.16
N ARG B 189 -7.84 -16.44 2.32
CA ARG B 189 -7.99 -17.73 2.93
C ARG B 189 -9.08 -18.58 2.21
N ASP B 190 -9.90 -17.95 1.36
CA ASP B 190 -10.76 -18.66 0.43
C ASP B 190 -9.91 -19.02 -0.76
N GLU B 191 -9.68 -20.30 -0.96
CA GLU B 191 -8.76 -20.77 -2.01
C GLU B 191 -9.23 -20.44 -3.43
N VAL B 192 -10.53 -20.33 -3.64
CA VAL B 192 -11.03 -19.89 -4.93
C VAL B 192 -10.68 -18.41 -5.17
N PHE B 193 -10.82 -17.57 -4.14
CA PHE B 193 -10.43 -16.17 -4.26
C PHE B 193 -8.90 -16.04 -4.37
N PHE B 194 -8.18 -16.88 -3.63
CA PHE B 194 -6.75 -16.92 -3.79
C PHE B 194 -6.43 -17.27 -5.26
N ASN B 195 -7.03 -18.32 -5.81
CA ASN B 195 -6.68 -18.67 -7.20
C ASN B 195 -7.05 -17.60 -8.21
N GLN B 196 -8.19 -16.95 -8.02
CA GLN B 196 -8.61 -15.85 -8.86
C GLN B 196 -7.61 -14.71 -8.80
N THR B 197 -7.14 -14.45 -7.59
CA THR B 197 -6.26 -13.35 -7.39
C THR B 197 -4.94 -13.59 -8.08
N VAL B 198 -4.34 -14.76 -7.90
CA VAL B 198 -3.07 -15.05 -8.55
C VAL B 198 -3.25 -14.98 -10.08
N GLU B 199 -4.30 -15.59 -10.59
CA GLU B 199 -4.47 -15.57 -12.05
C GLU B 199 -4.66 -14.19 -12.64
N ASN B 200 -5.31 -13.26 -11.93
CA ASN B 200 -5.52 -11.92 -12.44
C ASN B 200 -4.33 -10.99 -12.35
N VAL B 201 -3.63 -11.02 -11.22
CA VAL B 201 -2.42 -10.26 -11.12
C VAL B 201 -1.44 -10.69 -12.22
N GLN B 202 -1.30 -12.00 -12.41
CA GLN B 202 -0.40 -12.52 -13.48
C GLN B 202 -0.91 -12.15 -14.86
N ARG B 203 -2.19 -12.35 -15.09
CA ARG B 203 -2.73 -12.06 -16.41
C ARG B 203 -2.57 -10.57 -16.78
N ILE B 204 -2.82 -9.69 -15.82
CA ILE B 204 -2.74 -8.24 -16.09
C ILE B 204 -1.30 -7.84 -16.38
N ILE B 205 -0.37 -8.22 -15.49
CA ILE B 205 1.02 -7.85 -15.66
C ILE B 205 1.65 -8.50 -16.90
N ILE B 206 1.31 -9.76 -17.15
CA ILE B 206 1.94 -10.50 -18.25
C ILE B 206 1.34 -10.07 -19.57
N GLU B 207 0.02 -10.21 -19.70
CA GLU B 207 -0.65 -10.02 -20.97
C GLU B 207 -1.04 -8.57 -21.21
N GLY B 208 -1.31 -7.81 -20.16
CA GLY B 208 -1.81 -6.46 -20.34
C GLY B 208 -3.31 -6.52 -20.61
N ILE B 209 -3.99 -5.40 -20.48
CA ILE B 209 -5.44 -5.36 -20.69
C ILE B 209 -5.83 -5.00 -22.12
N ARG B 210 -4.91 -4.45 -22.89
CA ARG B 210 -5.16 -4.22 -24.29
C ARG B 210 -5.25 -5.57 -24.96
N PRO B 211 -6.31 -5.81 -25.74
CA PRO B 211 -6.45 -7.10 -26.38
C PRO B 211 -5.28 -7.42 -27.28
N ARG B 212 -4.96 -8.70 -27.36
CA ARG B 212 -3.94 -9.17 -28.29
C ARG B 212 -4.62 -9.87 -29.49
#